data_9DQP
#
_entry.id   9DQP
#
_cell.length_a   97.052
_cell.length_b   42.931
_cell.length_c   126.758
_cell.angle_alpha   90.000
_cell.angle_beta   107.026
_cell.angle_gamma   90.000
#
_symmetry.space_group_name_H-M   'C 1 2 1'
#
loop_
_entity.id
_entity.type
_entity.pdbx_description
1 polymer '2OG-Fe dioxygenase family protein'
2 non-polymer 'POTASSIUM ION'
3 non-polymer 'THIOCYANATE ION'
4 non-polymer GLYCEROL
5 water water
#
_entity_poly.entity_id   1
_entity_poly.type   'polypeptide(L)'
_entity_poly.pdbx_seq_one_letter_code
;MQTEAREELRANGYSLLPADRLVIDAELRQHVKELAAEWENLETDRYLKGGSRFRERAYDRFFFVPRTGEVRLRPHRPYF
QSMNANDYAGGIDRDVAPLSRTTLANPLLTRLLRADFENFPVPEESWLDDPWDVQCHQFRIISTPDETGEPTPEGPHRDE
VDFGVIHLMGRFNAAGGESQVYSLERELVAEFCLTEQMDTMFWSDGQILHAVRPIHPVDPTKAAVRDVLIMGYKHEPELR
REEQGAAHHHHHH
;
_entity_poly.pdbx_strand_id   A,B
#
# COMPACT_ATOMS: atom_id res chain seq x y z
N GLN A 2 -6.89 -21.09 3.43
CA GLN A 2 -7.27 -20.86 4.82
C GLN A 2 -6.09 -21.08 5.76
N THR A 3 -5.27 -22.10 5.48
CA THR A 3 -4.29 -22.54 6.48
C THR A 3 -3.06 -21.63 6.49
N GLU A 4 -2.61 -21.17 5.32
CA GLU A 4 -1.62 -20.09 5.26
C GLU A 4 -2.16 -18.80 5.87
N ALA A 5 -3.46 -18.52 5.69
CA ALA A 5 -4.04 -17.31 6.26
C ALA A 5 -4.02 -17.35 7.78
N ARG A 6 -4.50 -18.46 8.38
CA ARG A 6 -4.46 -18.57 9.83
C ARG A 6 -3.05 -18.34 10.35
N GLU A 7 -2.06 -18.87 9.66
CA GLU A 7 -0.70 -18.76 10.13
C GLU A 7 -0.19 -17.34 9.94
N GLU A 8 -0.58 -16.70 8.84
CA GLU A 8 -0.24 -15.30 8.64
C GLU A 8 -0.90 -14.44 9.70
N LEU A 9 -2.15 -14.72 10.05
CA LEU A 9 -2.76 -13.94 11.12
C LEU A 9 -2.03 -14.16 12.44
N ARG A 10 -1.70 -15.42 12.75
CA ARG A 10 -0.91 -15.70 13.95
C ARG A 10 0.40 -14.93 13.96
N ALA A 11 1.15 -15.01 12.86
CA ALA A 11 2.49 -14.44 12.82
C ALA A 11 2.47 -12.91 12.70
N ASN A 12 1.67 -12.38 11.76
CA ASN A 12 1.73 -10.96 11.43
C ASN A 12 0.48 -10.17 11.78
N GLY A 13 -0.60 -10.83 12.19
CA GLY A 13 -1.80 -10.12 12.55
C GLY A 13 -2.72 -9.80 11.38
N TYR A 14 -2.33 -10.12 10.14
CA TYR A 14 -3.18 -9.85 8.98
C TYR A 14 -2.75 -10.77 7.85
N SER A 15 -3.63 -10.91 6.85
CA SER A 15 -3.39 -11.77 5.71
C SER A 15 -4.17 -11.19 4.54
N LEU A 16 -3.59 -11.20 3.34
CA LEU A 16 -4.22 -10.60 2.18
C LEU A 16 -4.66 -11.69 1.22
N LEU A 17 -5.77 -11.45 0.52
CA LEU A 17 -6.30 -12.39 -0.46
C LEU A 17 -6.78 -11.62 -1.67
N PRO A 18 -5.91 -11.40 -2.65
CA PRO A 18 -6.34 -10.70 -3.86
C PRO A 18 -7.30 -11.55 -4.68
N ALA A 19 -8.25 -10.87 -5.31
CA ALA A 19 -9.22 -11.56 -6.17
C ALA A 19 -8.56 -12.35 -7.29
N ASP A 20 -7.32 -12.00 -7.66
CA ASP A 20 -6.66 -12.62 -8.81
C ASP A 20 -6.50 -14.13 -8.70
N ARG A 21 -6.65 -14.71 -7.50
CA ARG A 21 -6.74 -16.16 -7.39
C ARG A 21 -8.21 -16.54 -7.36
N LEU A 22 -8.79 -16.71 -8.57
CA LEU A 22 -10.15 -17.21 -8.73
C LEU A 22 -11.16 -16.22 -8.17
N VAL A 23 -11.76 -15.40 -9.04
CA VAL A 23 -12.74 -14.43 -8.58
C VAL A 23 -14.15 -14.91 -8.88
N ILE A 24 -14.30 -15.74 -9.92
CA ILE A 24 -15.66 -15.98 -10.38
C ILE A 24 -15.81 -17.10 -11.41
N ASP A 25 -16.65 -18.09 -11.08
CA ASP A 25 -17.46 -18.73 -12.10
C ASP A 25 -18.66 -17.83 -12.39
N ALA A 26 -19.54 -18.26 -13.29
CA ALA A 26 -20.60 -17.39 -13.78
C ALA A 26 -21.56 -17.00 -12.66
N GLU A 27 -22.01 -17.97 -11.86
CA GLU A 27 -23.01 -17.69 -10.84
C GLU A 27 -22.42 -16.84 -9.73
N LEU A 28 -21.18 -17.13 -9.34
CA LEU A 28 -20.52 -16.33 -8.31
C LEU A 28 -20.33 -14.90 -8.78
N ARG A 29 -19.80 -14.72 -9.99
CA ARG A 29 -19.62 -13.40 -10.58
C ARG A 29 -20.92 -12.60 -10.52
N GLN A 30 -22.04 -13.24 -10.84
CA GLN A 30 -23.32 -12.55 -10.83
C GLN A 30 -23.70 -12.10 -9.43
N HIS A 31 -23.49 -12.96 -8.43
CA HIS A 31 -23.82 -12.54 -7.07
C HIS A 31 -22.88 -11.45 -6.59
N VAL A 32 -21.61 -11.47 -6.99
CA VAL A 32 -20.71 -10.35 -6.69
C VAL A 32 -21.27 -9.05 -7.26
N LYS A 33 -21.70 -9.08 -8.52
CA LYS A 33 -22.21 -7.86 -9.14
C LYS A 33 -23.45 -7.35 -8.42
N GLU A 34 -24.39 -8.26 -8.12
CA GLU A 34 -25.58 -7.88 -7.36
C GLU A 34 -25.21 -7.27 -6.01
N LEU A 35 -24.29 -7.89 -5.28
CA LEU A 35 -23.91 -7.36 -3.99
C LEU A 35 -23.28 -5.99 -4.13
N ALA A 36 -22.27 -5.85 -4.99
CA ALA A 36 -21.58 -4.57 -5.11
C ALA A 36 -22.54 -3.46 -5.54
N ALA A 37 -23.56 -3.79 -6.34
CA ALA A 37 -24.50 -2.77 -6.78
C ALA A 37 -25.26 -2.14 -5.63
N GLU A 38 -25.36 -2.84 -4.49
CA GLU A 38 -26.07 -2.30 -3.34
C GLU A 38 -25.45 -1.03 -2.82
N TRP A 39 -24.15 -0.84 -3.07
CA TRP A 39 -23.48 0.36 -2.58
C TRP A 39 -23.94 1.63 -3.28
N GLU A 40 -24.67 1.52 -4.40
CA GLU A 40 -25.30 2.67 -5.05
C GLU A 40 -26.57 3.15 -4.34
N ASN A 41 -27.09 2.35 -3.41
CA ASN A 41 -28.39 2.62 -2.79
C ASN A 41 -28.29 2.74 -1.28
N LEU A 42 -27.16 3.25 -0.78
CA LEU A 42 -26.98 3.45 0.66
C LEU A 42 -27.57 4.79 1.10
N GLU A 43 -28.07 4.82 2.33
CA GLU A 43 -28.61 6.04 2.92
C GLU A 43 -27.52 7.11 2.97
N THR A 44 -27.82 8.28 2.42
CA THR A 44 -26.81 9.32 2.28
C THR A 44 -26.72 10.15 3.55
N ASP A 45 -25.50 10.57 3.88
CA ASP A 45 -25.26 11.41 5.07
C ASP A 45 -24.45 12.64 4.68
N ARG A 53 -15.17 13.44 4.11
CA ARG A 53 -16.06 14.36 3.41
C ARG A 53 -17.47 13.80 3.31
N PHE A 54 -17.57 12.50 3.03
CA PHE A 54 -18.85 11.92 2.64
C PHE A 54 -18.76 10.40 2.82
N ARG A 55 -19.67 9.83 3.59
CA ARG A 55 -19.64 8.41 3.91
C ARG A 55 -21.06 7.89 3.97
N GLU A 56 -21.39 6.96 3.09
CA GLU A 56 -22.71 6.35 3.08
C GLU A 56 -22.60 4.92 3.60
N ARG A 57 -23.54 4.51 4.45
CA ARG A 57 -23.35 3.28 5.17
C ARG A 57 -24.67 2.60 5.50
N ALA A 58 -24.56 1.29 5.70
CA ALA A 58 -25.61 0.42 6.21
C ALA A 58 -24.95 -0.57 7.15
N TYR A 59 -25.76 -1.19 8.01
CA TYR A 59 -25.20 -2.00 9.09
C TYR A 59 -26.22 -3.03 9.55
N ASP A 60 -25.74 -4.20 9.94
CA ASP A 60 -26.55 -5.13 10.71
C ASP A 60 -25.61 -6.05 11.46
N ARG A 61 -26.17 -6.76 12.44
CA ARG A 61 -25.40 -7.72 13.21
C ARG A 61 -26.04 -9.10 13.08
N PHE A 62 -25.20 -10.12 13.16
CA PHE A 62 -25.64 -11.49 12.98
C PHE A 62 -25.20 -12.34 14.17
N PHE A 63 -26.12 -13.21 14.59
CA PHE A 63 -25.80 -14.35 15.45
C PHE A 63 -25.24 -15.44 14.55
N PHE A 64 -24.09 -15.99 14.93
CA PHE A 64 -23.36 -16.92 14.07
C PHE A 64 -22.75 -18.04 14.89
N VAL A 65 -23.03 -19.29 14.50
CA VAL A 65 -22.43 -20.45 15.15
C VAL A 65 -21.59 -21.18 14.12
N PRO A 66 -20.27 -21.16 14.25
CA PRO A 66 -19.43 -21.71 13.18
C PRO A 66 -19.61 -23.20 12.97
N ARG A 67 -19.88 -23.97 14.02
CA ARG A 67 -20.02 -25.42 13.87
C ARG A 67 -21.16 -25.76 12.93
N THR A 68 -22.33 -25.15 13.17
CA THR A 68 -23.51 -25.42 12.35
C THR A 68 -23.61 -24.55 11.11
N GLY A 69 -22.88 -23.43 11.06
CA GLY A 69 -23.12 -22.47 10.01
C GLY A 69 -24.38 -21.66 10.19
N GLU A 70 -25.01 -21.76 11.37
CA GLU A 70 -26.22 -20.99 11.64
C GLU A 70 -25.92 -19.50 11.64
N VAL A 71 -26.67 -18.77 10.83
CA VAL A 71 -26.60 -17.31 10.78
C VAL A 71 -28.00 -16.76 10.99
N ARG A 72 -28.16 -15.94 12.02
CA ARG A 72 -29.42 -15.27 12.28
C ARG A 72 -29.19 -13.77 12.27
N LEU A 73 -30.08 -13.04 11.62
CA LEU A 73 -30.06 -11.59 11.62
C LEU A 73 -30.58 -11.09 12.96
N ARG A 74 -29.72 -10.43 13.72
CA ARG A 74 -30.16 -9.88 14.99
C ARG A 74 -31.03 -8.64 14.76
N PRO A 75 -32.01 -8.41 15.64
CA PRO A 75 -32.86 -7.23 15.50
C PRO A 75 -32.03 -5.97 15.49
N HIS A 76 -32.46 -5.01 14.68
CA HIS A 76 -31.68 -3.79 14.45
C HIS A 76 -31.89 -2.87 15.65
N ARG A 77 -30.94 -2.89 16.58
CA ARG A 77 -31.12 -2.18 17.84
C ARG A 77 -31.27 -0.69 17.58
N PRO A 78 -32.40 -0.07 17.95
CA PRO A 78 -32.59 1.35 17.62
C PRO A 78 -31.61 2.23 18.34
N TYR A 79 -31.20 3.29 17.65
CA TYR A 79 -30.22 4.21 18.20
C TYR A 79 -30.76 4.91 19.45
N PHE A 80 -32.02 5.34 19.39
CA PHE A 80 -32.64 6.00 20.54
C PHE A 80 -32.67 5.11 21.77
N GLN A 81 -32.60 3.80 21.59
CA GLN A 81 -32.61 2.91 22.74
C GLN A 81 -31.22 2.80 23.34
N SER A 82 -30.21 2.65 22.47
CA SER A 82 -28.83 2.61 22.90
C SER A 82 -28.44 3.89 23.64
N MET A 83 -28.63 5.04 22.98
CA MET A 83 -28.27 6.32 23.57
C MET A 83 -28.93 6.50 24.93
N ASN A 84 -30.26 6.44 24.97
CA ASN A 84 -31.00 6.68 26.20
C ASN A 84 -30.69 5.64 27.29
N ALA A 85 -30.25 4.45 26.91
CA ALA A 85 -29.78 3.47 27.88
C ALA A 85 -28.30 3.63 28.21
N ASN A 86 -27.62 4.58 27.56
CA ASN A 86 -26.15 4.64 27.52
C ASN A 86 -25.56 3.24 27.50
N ASP A 87 -25.95 2.47 26.48
CA ASP A 87 -25.52 1.09 26.33
C ASP A 87 -25.72 0.75 24.86
N TYR A 88 -24.62 0.68 24.11
CA TYR A 88 -24.66 0.35 22.69
C TYR A 88 -24.52 -1.15 22.44
N ALA A 89 -24.55 -1.96 23.51
CA ALA A 89 -24.69 -3.41 23.42
C ALA A 89 -23.57 -4.05 22.60
N GLY A 90 -22.37 -3.48 22.70
CA GLY A 90 -21.23 -3.94 21.94
C GLY A 90 -21.17 -3.43 20.52
N GLY A 91 -22.30 -2.99 19.95
CA GLY A 91 -22.34 -2.49 18.59
C GLY A 91 -21.79 -1.08 18.47
N ILE A 92 -21.91 -0.52 17.26
CA ILE A 92 -21.40 0.83 17.03
C ILE A 92 -22.24 1.85 17.78
N ASP A 93 -21.62 2.98 18.11
CA ASP A 93 -22.32 4.10 18.73
C ASP A 93 -22.74 5.14 17.69
N ARG A 94 -23.24 4.68 16.55
CA ARG A 94 -23.73 5.56 15.50
C ARG A 94 -25.09 5.07 15.04
N ASP A 95 -25.79 5.94 14.31
CA ASP A 95 -27.15 5.69 13.83
C ASP A 95 -27.09 5.38 12.34
N VAL A 96 -27.29 4.12 11.99
CA VAL A 96 -27.08 3.63 10.63
C VAL A 96 -28.30 2.85 10.17
N ALA A 97 -28.64 2.97 8.89
CA ALA A 97 -29.74 2.19 8.33
C ALA A 97 -29.39 0.70 8.25
N PRO A 98 -30.40 -0.18 8.24
CA PRO A 98 -30.13 -1.60 8.05
C PRO A 98 -29.67 -1.91 6.63
N LEU A 99 -29.10 -3.12 6.49
CA LEU A 99 -28.83 -3.68 5.17
C LEU A 99 -30.12 -3.80 4.38
N SER A 100 -30.02 -3.57 3.07
CA SER A 100 -31.19 -3.63 2.21
C SER A 100 -31.73 -5.05 2.12
N ARG A 101 -32.99 -5.14 1.69
CA ARG A 101 -33.60 -6.44 1.48
C ARG A 101 -32.81 -7.25 0.46
N THR A 102 -32.31 -6.61 -0.60
CA THR A 102 -31.61 -7.40 -1.60
C THR A 102 -30.17 -7.72 -1.20
N THR A 103 -29.56 -6.95 -0.29
CA THR A 103 -28.31 -7.39 0.32
C THR A 103 -28.51 -8.70 1.08
N LEU A 104 -29.52 -8.74 1.95
CA LEU A 104 -29.75 -9.91 2.80
C LEU A 104 -30.19 -11.12 1.98
N ALA A 105 -30.97 -10.90 0.91
CA ALA A 105 -31.39 -12.00 0.06
C ALA A 105 -30.23 -12.58 -0.73
N ASN A 106 -29.15 -11.84 -0.91
CA ASN A 106 -28.05 -12.32 -1.73
C ASN A 106 -27.32 -13.44 -0.99
N PRO A 107 -27.34 -14.67 -1.53
CA PRO A 107 -26.65 -15.78 -0.84
C PRO A 107 -25.16 -15.55 -0.68
N LEU A 108 -24.55 -14.69 -1.50
CA LEU A 108 -23.12 -14.43 -1.31
C LEU A 108 -22.84 -13.77 0.03
N LEU A 109 -23.81 -13.04 0.61
CA LEU A 109 -23.55 -12.40 1.90
C LEU A 109 -23.35 -13.45 2.99
N THR A 110 -24.23 -14.46 3.02
CA THR A 110 -24.10 -15.54 4.00
C THR A 110 -22.89 -16.43 3.69
N ARG A 111 -22.63 -16.66 2.41
CA ARG A 111 -21.46 -17.44 2.01
C ARG A 111 -20.16 -16.80 2.50
N LEU A 112 -20.02 -15.48 2.26
CA LEU A 112 -18.82 -14.77 2.70
C LEU A 112 -18.73 -14.77 4.22
N LEU A 113 -19.84 -14.54 4.92
CA LEU A 113 -19.79 -14.56 6.37
C LEU A 113 -19.23 -15.88 6.90
N ARG A 114 -19.67 -17.00 6.32
CA ARG A 114 -19.20 -18.32 6.78
C ARG A 114 -17.77 -18.60 6.32
N ALA A 115 -17.49 -18.32 5.04
CA ALA A 115 -16.20 -18.66 4.45
C ALA A 115 -15.08 -17.80 5.02
N ASP A 116 -15.34 -16.52 5.30
CA ASP A 116 -14.28 -15.67 5.83
C ASP A 116 -13.80 -16.19 7.17
N PHE A 117 -14.73 -16.70 7.99
CA PHE A 117 -14.40 -17.16 9.34
C PHE A 117 -13.31 -18.23 9.30
N GLU A 118 -13.25 -19.03 8.25
N GLU A 118 -13.27 -19.04 8.25
CA GLU A 118 -12.30 -20.13 8.20
CA GLU A 118 -12.31 -20.13 8.14
C GLU A 118 -10.85 -19.67 8.04
C GLU A 118 -10.87 -19.64 8.19
N ASN A 119 -10.60 -18.38 7.84
CA ASN A 119 -9.25 -17.87 7.78
C ASN A 119 -8.72 -17.43 9.14
N PHE A 120 -9.54 -17.50 10.17
CA PHE A 120 -9.09 -16.95 11.43
C PHE A 120 -8.50 -18.05 12.31
N PRO A 121 -7.40 -17.79 13.00
CA PRO A 121 -6.88 -18.79 13.95
C PRO A 121 -7.68 -18.78 15.25
N VAL A 122 -8.68 -19.65 15.34
CA VAL A 122 -9.52 -19.72 16.53
C VAL A 122 -8.73 -20.38 17.66
N PRO A 123 -8.49 -19.67 18.76
CA PRO A 123 -7.51 -20.17 19.75
C PRO A 123 -8.02 -21.33 20.60
N GLU A 124 -9.34 -21.52 20.70
CA GLU A 124 -9.92 -22.60 21.50
C GLU A 124 -11.00 -23.28 20.68
N GLU A 125 -10.85 -24.60 20.48
CA GLU A 125 -11.82 -25.33 19.65
C GLU A 125 -13.25 -25.18 20.16
N SER A 126 -13.43 -25.04 21.48
CA SER A 126 -14.78 -24.94 22.01
C SER A 126 -15.53 -23.72 21.48
N TRP A 127 -14.81 -22.72 20.96
CA TRP A 127 -15.44 -21.50 20.45
C TRP A 127 -16.27 -21.77 19.20
N LEU A 128 -15.96 -22.83 18.46
CA LEU A 128 -16.75 -23.16 17.27
C LEU A 128 -18.18 -23.53 17.59
N ASP A 129 -18.46 -23.91 18.85
CA ASP A 129 -19.81 -24.26 19.29
C ASP A 129 -20.51 -23.10 19.97
N ASP A 130 -19.82 -22.01 20.21
CA ASP A 130 -20.39 -20.84 20.85
C ASP A 130 -20.96 -19.89 19.81
N PRO A 131 -21.88 -19.02 20.20
CA PRO A 131 -22.31 -17.94 19.30
C PRO A 131 -21.22 -16.91 19.12
N TRP A 132 -21.18 -16.31 17.93
CA TRP A 132 -20.35 -15.16 17.63
C TRP A 132 -21.25 -14.03 17.14
N ASP A 133 -20.99 -12.82 17.61
CA ASP A 133 -21.64 -11.67 17.02
C ASP A 133 -20.81 -11.26 15.81
N VAL A 134 -21.46 -11.05 14.66
CA VAL A 134 -20.77 -10.64 13.43
C VAL A 134 -21.37 -9.32 12.98
N GLN A 135 -20.59 -8.25 13.08
CA GLN A 135 -21.06 -6.93 12.67
C GLN A 135 -20.74 -6.80 11.20
N CYS A 136 -21.72 -6.37 10.42
CA CYS A 136 -21.57 -6.30 8.98
C CYS A 136 -21.80 -4.86 8.54
N HIS A 137 -20.77 -4.24 7.94
CA HIS A 137 -20.87 -2.85 7.49
C HIS A 137 -20.71 -2.77 5.99
N GLN A 138 -21.64 -2.10 5.32
CA GLN A 138 -21.40 -1.58 3.97
C GLN A 138 -20.95 -0.13 4.13
N PHE A 139 -19.74 0.20 3.64
CA PHE A 139 -19.22 1.57 3.63
C PHE A 139 -18.99 2.03 2.19
N ARG A 140 -19.53 3.19 1.83
CA ARG A 140 -19.11 3.89 0.62
C ARG A 140 -18.41 5.18 1.04
N ILE A 141 -17.16 5.32 0.65
CA ILE A 141 -16.34 6.49 0.95
C ILE A 141 -16.36 7.36 -0.30
N ILE A 142 -16.61 8.66 -0.12
CA ILE A 142 -16.77 9.58 -1.24
C ILE A 142 -15.89 10.79 -1.02
N SER A 143 -15.05 11.12 -2.01
CA SER A 143 -14.31 12.37 -2.06
C SER A 143 -14.79 13.13 -3.30
N THR A 144 -15.45 14.25 -3.09
CA THR A 144 -16.06 15.09 -4.11
C THR A 144 -15.08 16.16 -4.58
N PRO A 145 -15.19 16.58 -5.84
CA PRO A 145 -14.34 17.67 -6.34
C PRO A 145 -14.67 18.97 -5.63
N ASP A 146 -13.68 19.58 -4.99
CA ASP A 146 -13.96 20.68 -4.08
C ASP A 146 -12.78 21.60 -3.84
N PRO A 153 -8.44 12.30 8.51
CA PRO A 153 -8.13 10.86 8.54
C PRO A 153 -8.09 10.28 9.95
N GLU A 154 -8.74 9.13 10.13
CA GLU A 154 -8.68 8.44 11.41
C GLU A 154 -7.33 7.77 11.60
N GLY A 155 -6.78 7.86 12.81
CA GLY A 155 -5.52 7.24 13.11
C GLY A 155 -5.65 5.76 13.39
N PRO A 156 -4.55 5.12 13.78
CA PRO A 156 -4.59 3.68 14.02
C PRO A 156 -5.60 3.35 15.09
N HIS A 157 -6.36 2.28 14.87
CA HIS A 157 -7.44 1.93 15.80
C HIS A 157 -7.74 0.45 15.65
N ARG A 158 -8.59 -0.06 16.54
CA ARG A 158 -9.14 -1.40 16.42
C ARG A 158 -10.65 -1.27 16.37
N ASP A 159 -11.31 -2.36 15.93
CA ASP A 159 -12.76 -2.41 15.82
C ASP A 159 -13.42 -2.99 17.05
N GLU A 160 -12.62 -3.40 18.04
CA GLU A 160 -13.10 -4.00 19.29
C GLU A 160 -13.86 -5.30 19.05
N VAL A 161 -13.28 -6.15 18.22
CA VAL A 161 -13.77 -7.48 17.93
C VAL A 161 -12.60 -8.43 18.05
N ASP A 162 -12.83 -9.71 17.73
CA ASP A 162 -11.74 -10.67 17.68
C ASP A 162 -11.07 -10.72 16.31
N PHE A 163 -11.86 -10.86 15.24
CA PHE A 163 -11.28 -10.96 13.92
C PHE A 163 -12.07 -10.09 12.94
N GLY A 164 -11.36 -9.52 11.95
CA GLY A 164 -12.06 -8.71 10.97
C GLY A 164 -11.81 -9.15 9.54
N VAL A 165 -12.69 -8.77 8.61
CA VAL A 165 -12.42 -9.00 7.19
C VAL A 165 -12.91 -7.79 6.41
N ILE A 166 -12.18 -7.41 5.37
CA ILE A 166 -12.65 -6.34 4.52
C ILE A 166 -12.56 -6.83 3.09
N HIS A 167 -13.63 -6.60 2.31
CA HIS A 167 -13.61 -6.92 0.89
C HIS A 167 -13.87 -5.63 0.13
N LEU A 168 -13.06 -5.37 -0.91
CA LEU A 168 -13.28 -4.22 -1.77
C LEU A 168 -14.41 -4.56 -2.74
N MET A 169 -15.51 -3.83 -2.64
CA MET A 169 -16.58 -4.02 -3.61
C MET A 169 -16.35 -3.21 -4.86
N GLY A 170 -15.63 -2.11 -4.75
CA GLY A 170 -15.49 -1.24 -5.91
C GLY A 170 -14.64 -0.04 -5.62
N ARG A 171 -14.04 0.49 -6.67
CA ARG A 171 -13.12 1.60 -6.58
C ARG A 171 -13.32 2.38 -7.87
N PHE A 172 -13.66 3.66 -7.76
CA PHE A 172 -14.07 4.47 -8.90
C PHE A 172 -13.33 5.79 -8.88
N ASN A 173 -12.44 5.99 -9.86
CA ASN A 173 -11.71 7.26 -10.00
C ASN A 173 -10.93 7.60 -8.74
N ALA A 174 -10.40 6.57 -8.06
CA ALA A 174 -9.85 6.74 -6.73
C ALA A 174 -8.36 6.43 -6.71
N ALA A 175 -7.60 7.33 -6.13
CA ALA A 175 -6.22 7.06 -5.75
C ALA A 175 -6.13 7.17 -4.24
N GLY A 176 -5.00 6.77 -3.68
CA GLY A 176 -4.91 6.72 -2.24
C GLY A 176 -5.71 5.55 -1.68
N GLY A 177 -6.19 5.71 -0.46
CA GLY A 177 -6.95 4.62 0.13
C GLY A 177 -6.11 3.43 0.54
N GLU A 178 -4.79 3.59 0.65
CA GLU A 178 -3.94 2.49 1.09
C GLU A 178 -4.30 2.07 2.51
N SER A 179 -4.32 0.76 2.74
CA SER A 179 -4.61 0.21 4.07
C SER A 179 -3.31 0.09 4.85
N GLN A 180 -3.37 0.43 6.12
CA GLN A 180 -2.19 0.48 6.97
C GLN A 180 -2.39 -0.41 8.19
N VAL A 181 -1.34 -1.16 8.52
CA VAL A 181 -1.30 -2.05 9.68
C VAL A 181 -0.26 -1.48 10.64
N TYR A 182 -0.65 -1.33 11.90
CA TYR A 182 0.23 -0.82 12.94
C TYR A 182 0.41 -1.85 14.06
N SER A 183 1.55 -1.77 14.76
CA SER A 183 1.71 -2.50 16.00
C SER A 183 0.87 -1.87 17.08
N LEU A 184 0.67 -2.61 18.18
CA LEU A 184 0.00 -2.08 19.37
C LEU A 184 0.70 -0.84 19.88
N GLU A 185 1.95 -0.66 19.53
CA GLU A 185 2.74 0.51 19.87
C GLU A 185 2.68 1.60 18.81
N ARG A 186 1.82 1.43 17.79
CA ARG A 186 1.52 2.45 16.79
C ARG A 186 2.71 2.73 15.86
N GLU A 187 3.53 1.72 15.61
CA GLU A 187 4.51 1.76 14.53
C GLU A 187 3.94 1.08 13.29
N LEU A 188 4.06 1.76 12.15
CA LEU A 188 3.62 1.21 10.87
C LEU A 188 4.45 -0.03 10.52
N VAL A 189 3.81 -1.20 10.44
CA VAL A 189 4.54 -2.39 10.02
C VAL A 189 4.22 -2.81 8.60
N ALA A 190 3.07 -2.41 8.05
CA ALA A 190 2.70 -2.86 6.72
C ALA A 190 1.69 -1.89 6.10
N GLU A 191 1.70 -1.79 4.77
CA GLU A 191 0.70 -1.03 4.06
C GLU A 191 0.44 -1.76 2.74
N PHE A 192 -0.82 -1.88 2.35
CA PHE A 192 -1.16 -2.56 1.11
C PHE A 192 -2.31 -1.80 0.47
N CYS A 193 -2.68 -2.16 -0.75
N CYS A 193 -2.72 -2.27 -0.72
CA CYS A 193 -3.82 -1.47 -1.36
CA CYS A 193 -3.71 -1.61 -1.55
C CYS A 193 -4.75 -2.47 -2.00
C CYS A 193 -4.75 -2.62 -2.01
N LEU A 194 -5.98 -2.47 -1.55
CA LEU A 194 -7.05 -3.21 -2.19
C LEU A 194 -7.42 -2.48 -3.46
N THR A 195 -7.30 -3.14 -4.59
CA THR A 195 -7.49 -2.42 -5.85
C THR A 195 -8.52 -3.05 -6.74
N GLU A 196 -8.63 -4.37 -6.75
CA GLU A 196 -9.57 -5.09 -7.62
C GLU A 196 -10.78 -5.51 -6.81
N GLN A 197 -11.91 -5.61 -7.51
CA GLN A 197 -13.12 -6.07 -6.84
C GLN A 197 -12.90 -7.44 -6.24
N MET A 198 -13.31 -7.59 -4.98
CA MET A 198 -13.17 -8.73 -4.08
C MET A 198 -11.76 -8.90 -3.55
N ASP A 199 -10.82 -7.97 -3.78
CA ASP A 199 -9.57 -8.01 -3.03
C ASP A 199 -9.91 -7.97 -1.54
N THR A 200 -9.19 -8.74 -0.73
CA THR A 200 -9.65 -9.02 0.61
C THR A 200 -8.48 -8.92 1.59
N MET A 201 -8.76 -8.44 2.80
CA MET A 201 -7.81 -8.56 3.91
C MET A 201 -8.50 -9.14 5.13
N PHE A 202 -7.81 -10.06 5.83
CA PHE A 202 -8.23 -10.57 7.13
C PHE A 202 -7.30 -10.03 8.22
N TRP A 203 -7.81 -9.81 9.43
CA TRP A 203 -6.89 -9.39 10.50
C TRP A 203 -7.37 -9.86 11.86
N SER A 204 -6.40 -10.00 12.77
CA SER A 204 -6.66 -10.30 14.18
C SER A 204 -6.76 -9.00 14.96
N ASP A 205 -7.97 -8.66 15.42
CA ASP A 205 -8.23 -7.29 15.84
C ASP A 205 -7.58 -6.92 17.18
N GLY A 206 -7.20 -7.89 18.00
CA GLY A 206 -6.52 -7.56 19.23
C GLY A 206 -5.02 -7.57 19.11
N GLN A 207 -4.51 -7.90 17.93
CA GLN A 207 -3.09 -8.08 17.73
C GLN A 207 -2.44 -6.94 16.96
N ILE A 208 -3.20 -6.19 16.16
CA ILE A 208 -2.69 -5.05 15.41
C ILE A 208 -3.65 -3.90 15.60
N LEU A 209 -3.23 -2.73 15.13
CA LEU A 209 -4.12 -1.62 14.88
C LEU A 209 -4.12 -1.37 13.38
N HIS A 210 -5.12 -0.64 12.89
CA HIS A 210 -5.18 -0.46 11.46
C HIS A 210 -5.81 0.89 11.15
N ALA A 211 -5.67 1.30 9.89
CA ALA A 211 -6.16 2.58 9.42
C ALA A 211 -6.19 2.53 7.92
N VAL A 212 -6.86 3.50 7.32
CA VAL A 212 -6.91 3.60 5.86
C VAL A 212 -6.68 5.06 5.47
N ARG A 213 -5.80 5.27 4.49
CA ARG A 213 -5.50 6.61 4.03
C ARG A 213 -6.70 7.19 3.30
N PRO A 214 -6.85 8.52 3.30
CA PRO A 214 -7.90 9.15 2.50
C PRO A 214 -7.78 8.75 1.03
N ILE A 215 -8.90 8.81 0.32
CA ILE A 215 -8.89 8.64 -1.12
C ILE A 215 -8.91 10.02 -1.76
N HIS A 216 -8.40 10.12 -2.98
CA HIS A 216 -8.54 11.37 -3.72
C HIS A 216 -8.76 11.03 -5.16
N PRO A 217 -9.46 11.87 -5.93
CA PRO A 217 -9.79 11.55 -7.30
C PRO A 217 -8.56 11.51 -8.19
N VAL A 218 -8.57 10.59 -9.13
CA VAL A 218 -7.58 10.61 -10.19
C VAL A 218 -7.92 11.72 -11.19
N ASP A 219 -9.14 11.68 -11.72
CA ASP A 219 -9.70 12.79 -12.46
C ASP A 219 -10.32 13.77 -11.46
N PRO A 220 -9.69 14.92 -11.22
CA PRO A 220 -10.15 15.81 -10.16
C PRO A 220 -11.46 16.53 -10.49
N THR A 221 -11.98 16.41 -11.70
CA THR A 221 -13.29 16.99 -11.98
C THR A 221 -14.44 16.08 -11.56
N LYS A 222 -14.14 14.86 -11.08
CA LYS A 222 -15.15 13.87 -10.73
C LYS A 222 -14.92 13.39 -9.30
N ALA A 223 -15.97 12.78 -8.73
CA ALA A 223 -15.83 12.23 -7.39
C ALA A 223 -14.95 10.97 -7.40
N ALA A 224 -14.30 10.74 -6.28
CA ALA A 224 -13.63 9.47 -6.03
C ALA A 224 -14.48 8.67 -5.03
N VAL A 225 -14.67 7.38 -5.32
CA VAL A 225 -15.57 6.52 -4.55
C VAL A 225 -14.87 5.19 -4.25
N ARG A 226 -14.95 4.75 -3.00
N ARG A 226 -14.95 4.77 -2.99
CA ARG A 226 -14.38 3.46 -2.60
CA ARG A 226 -14.39 3.49 -2.54
C ARG A 226 -15.41 2.70 -1.76
C ARG A 226 -15.48 2.73 -1.78
N ASP A 227 -15.83 1.54 -2.25
CA ASP A 227 -16.87 0.73 -1.63
C ASP A 227 -16.26 -0.49 -0.96
N VAL A 228 -16.52 -0.68 0.34
CA VAL A 228 -16.04 -1.86 1.05
C VAL A 228 -17.15 -2.46 1.89
N LEU A 229 -17.00 -3.78 2.12
CA LEU A 229 -17.81 -4.59 3.03
C LEU A 229 -16.87 -5.01 4.14
N ILE A 230 -17.20 -4.64 5.37
CA ILE A 230 -16.36 -4.94 6.53
C ILE A 230 -17.18 -5.81 7.45
N MET A 231 -16.59 -6.90 7.93
CA MET A 231 -17.26 -7.73 8.91
C MET A 231 -16.35 -7.93 10.11
N GLY A 232 -16.93 -7.82 11.30
CA GLY A 232 -16.13 -7.97 12.51
C GLY A 232 -16.74 -9.05 13.38
N TYR A 233 -15.93 -10.05 13.73
CA TYR A 233 -16.40 -11.26 14.40
C TYR A 233 -15.95 -11.20 15.85
N LYS A 234 -16.90 -11.33 16.79
CA LYS A 234 -16.62 -11.27 18.22
C LYS A 234 -17.23 -12.49 18.89
N HIS A 235 -16.37 -13.32 19.46
CA HIS A 235 -16.78 -14.45 20.32
C HIS A 235 -17.67 -13.98 21.46
N GLU A 236 -18.88 -14.53 21.58
CA GLU A 236 -19.84 -14.14 22.61
C GLU A 236 -20.56 -15.36 23.19
N PRO A 237 -19.94 -16.06 24.15
CA PRO A 237 -20.50 -17.34 24.61
C PRO A 237 -21.86 -17.23 25.26
N GLU A 238 -22.28 -16.03 25.67
CA GLU A 238 -23.53 -15.85 26.39
C GLU A 238 -24.61 -15.21 25.55
N LEU A 239 -24.34 -14.89 24.28
CA LEU A 239 -25.37 -14.35 23.41
C LEU A 239 -26.39 -15.44 23.08
N ARG A 240 -27.66 -15.14 23.30
CA ARG A 240 -28.71 -16.10 22.99
C ARG A 240 -29.49 -15.66 21.77
N ARG A 241 -30.18 -16.62 21.16
CA ARG A 241 -30.99 -16.32 19.99
C ARG A 241 -32.02 -15.24 20.32
N GLU A 242 -32.32 -14.42 19.34
CA GLU A 242 -33.32 -13.36 19.46
C GLU A 242 -34.34 -13.55 18.34
N GLU A 243 -35.45 -12.83 18.46
CA GLU A 243 -36.51 -12.89 17.46
C GLU A 243 -35.98 -12.46 16.09
N GLN A 244 -36.48 -13.09 15.04
CA GLN A 244 -36.02 -12.83 13.69
C GLN A 244 -37.19 -12.64 12.73
N THR B 3 2.56 -0.36 -22.44
CA THR B 3 2.80 1.07 -22.33
C THR B 3 4.20 1.44 -22.84
N GLU B 4 4.47 2.74 -22.92
CA GLU B 4 5.68 3.23 -23.59
C GLU B 4 6.93 2.91 -22.79
N ALA B 5 6.95 3.25 -21.50
CA ALA B 5 8.13 3.01 -20.68
C ALA B 5 8.49 1.52 -20.65
N ARG B 6 7.47 0.66 -20.59
CA ARG B 6 7.73 -0.79 -20.61
C ARG B 6 8.51 -1.19 -21.84
N GLU B 7 7.97 -0.89 -23.02
CA GLU B 7 8.62 -1.31 -24.26
C GLU B 7 9.95 -0.60 -24.45
N GLU B 8 10.02 0.69 -24.08
CA GLU B 8 11.30 1.38 -24.05
C GLU B 8 12.30 0.64 -23.18
N LEU B 9 11.86 0.20 -21.99
CA LEU B 9 12.73 -0.63 -21.16
C LEU B 9 12.97 -1.97 -21.82
N ARG B 10 11.92 -2.57 -22.40
CA ARG B 10 12.09 -3.85 -23.06
C ARG B 10 13.09 -3.75 -24.20
N ALA B 11 12.97 -2.71 -25.02
CA ALA B 11 13.81 -2.59 -26.20
C ALA B 11 15.21 -2.09 -25.87
N ASN B 12 15.35 -1.07 -25.02
CA ASN B 12 16.62 -0.38 -24.84
C ASN B 12 17.23 -0.52 -23.45
N GLY B 13 16.51 -1.06 -22.47
CA GLY B 13 17.07 -1.29 -21.15
C GLY B 13 17.00 -0.11 -20.22
N TYR B 14 16.47 1.02 -20.67
CA TYR B 14 16.32 2.21 -19.86
C TYR B 14 15.25 3.06 -20.52
N SER B 15 14.61 3.89 -19.71
CA SER B 15 13.59 4.81 -20.22
C SER B 15 13.71 6.08 -19.40
N LEU B 16 13.49 7.22 -20.06
CA LEU B 16 13.47 8.50 -19.37
C LEU B 16 12.03 8.93 -19.15
N LEU B 17 11.79 9.59 -18.01
CA LEU B 17 10.51 10.23 -17.73
C LEU B 17 10.86 11.59 -17.16
N PRO B 18 10.91 12.61 -18.00
CA PRO B 18 11.11 13.98 -17.48
C PRO B 18 9.92 14.41 -16.62
N ALA B 19 10.19 15.32 -15.70
CA ALA B 19 9.15 15.80 -14.82
C ALA B 19 7.99 16.44 -15.58
N ASP B 20 8.25 16.99 -16.77
CA ASP B 20 7.19 17.69 -17.52
C ASP B 20 6.20 16.71 -18.15
N ARG B 21 6.66 15.52 -18.56
CA ARG B 21 5.79 14.49 -19.10
C ARG B 21 4.86 13.89 -18.06
N LEU B 22 5.00 14.29 -16.80
CA LEU B 22 4.17 13.80 -15.70
C LEU B 22 3.13 14.86 -15.34
N VAL B 23 1.98 14.39 -14.86
CA VAL B 23 0.92 15.28 -14.37
C VAL B 23 1.07 15.39 -12.87
N ILE B 24 1.25 16.62 -12.39
CA ILE B 24 1.45 16.88 -10.97
C ILE B 24 0.31 17.75 -10.46
N ASP B 25 -0.45 17.22 -9.49
CA ASP B 25 -1.46 18.02 -8.81
C ASP B 25 -0.82 18.82 -7.68
N ALA B 26 -1.60 19.16 -6.66
CA ALA B 26 -1.08 19.92 -5.52
C ALA B 26 -0.74 19.05 -4.33
N GLU B 27 -1.48 17.96 -4.10
CA GLU B 27 -1.11 17.01 -3.05
C GLU B 27 0.23 16.36 -3.38
N LEU B 28 0.40 15.91 -4.61
CA LEU B 28 1.71 15.43 -5.06
C LEU B 28 2.76 16.53 -4.95
N ARG B 29 2.43 17.73 -5.44
CA ARG B 29 3.33 18.88 -5.28
C ARG B 29 3.72 19.07 -3.82
N GLN B 30 2.76 19.01 -2.91
CA GLN B 30 3.10 19.23 -1.50
C GLN B 30 4.00 18.13 -0.97
N HIS B 31 3.73 16.87 -1.30
CA HIS B 31 4.50 15.79 -0.71
C HIS B 31 5.89 15.69 -1.32
N VAL B 32 6.07 16.11 -2.58
CA VAL B 32 7.40 16.15 -3.17
C VAL B 32 8.29 17.12 -2.41
N LYS B 33 7.76 18.28 -2.05
CA LYS B 33 8.57 19.24 -1.32
C LYS B 33 8.92 18.73 0.08
N GLU B 34 7.95 18.11 0.75
CA GLU B 34 8.24 17.50 2.05
C GLU B 34 9.31 16.42 1.94
N LEU B 35 9.23 15.58 0.90
CA LEU B 35 10.21 14.52 0.71
C LEU B 35 11.59 15.08 0.36
N ALA B 36 11.64 16.01 -0.60
CA ALA B 36 12.95 16.51 -1.03
C ALA B 36 13.67 17.23 0.09
N ALA B 37 12.93 17.92 0.97
CA ALA B 37 13.55 18.60 2.10
C ALA B 37 14.28 17.64 3.04
N GLU B 38 13.89 16.35 3.03
CA GLU B 38 14.57 15.35 3.86
C GLU B 38 16.05 15.25 3.53
N TRP B 39 16.42 15.51 2.29
CA TRP B 39 17.84 15.45 1.92
C TRP B 39 18.69 16.48 2.64
N GLU B 40 18.09 17.47 3.32
CA GLU B 40 18.83 18.46 4.07
C GLU B 40 19.23 17.98 5.46
N ASN B 41 18.85 16.76 5.84
CA ASN B 41 19.11 16.25 7.19
C ASN B 41 19.69 14.86 7.14
N LEU B 42 20.50 14.57 6.12
CA LEU B 42 21.16 13.28 6.01
C LEU B 42 22.52 13.33 6.70
N GLU B 43 23.00 12.17 7.12
CA GLU B 43 24.26 12.07 7.83
C GLU B 43 25.40 11.79 6.86
N THR B 44 26.57 12.35 7.16
CA THR B 44 27.68 12.35 6.21
C THR B 44 28.42 11.02 6.23
N ASP B 45 29.37 10.89 5.30
CA ASP B 45 30.10 9.67 4.97
C ASP B 45 29.16 8.61 4.40
N ARG B 46 29.49 8.09 3.22
CA ARG B 46 28.65 7.11 2.56
C ARG B 46 28.81 5.71 3.15
N GLY B 51 37.58 16.80 1.17
CA GLY B 51 38.36 16.06 0.19
C GLY B 51 38.28 16.66 -1.21
N SER B 52 37.04 16.78 -1.70
CA SER B 52 36.65 17.38 -2.98
C SER B 52 35.24 16.89 -3.29
N ARG B 53 34.90 15.73 -2.72
CA ARG B 53 33.60 15.10 -2.90
C ARG B 53 33.12 14.59 -1.55
N PHE B 54 31.85 14.83 -1.25
CA PHE B 54 31.22 14.32 -0.04
C PHE B 54 29.90 13.66 -0.40
N ARG B 55 29.46 12.73 0.47
CA ARG B 55 28.26 11.95 0.24
C ARG B 55 27.55 11.76 1.57
N GLU B 56 26.28 12.21 1.64
CA GLU B 56 25.40 11.94 2.77
C GLU B 56 24.30 11.00 2.31
N ARG B 57 23.88 10.08 3.16
CA ARG B 57 22.97 9.06 2.68
C ARG B 57 22.11 8.51 3.80
N ALA B 58 21.09 7.76 3.38
CA ALA B 58 20.21 7.05 4.28
C ALA B 58 19.60 5.90 3.48
N TYR B 59 19.10 4.90 4.20
CA TYR B 59 18.82 3.66 3.49
C TYR B 59 17.89 2.77 4.30
N ASP B 60 17.03 2.04 3.59
CA ASP B 60 16.23 0.98 4.19
C ASP B 60 15.73 0.08 3.08
N ARG B 61 15.23 -1.09 3.47
CA ARG B 61 14.76 -2.11 2.56
C ARG B 61 13.31 -2.43 2.88
N PHE B 62 12.56 -2.84 1.86
CA PHE B 62 11.16 -3.17 2.01
C PHE B 62 10.89 -4.54 1.40
N PHE B 63 10.00 -5.27 2.06
CA PHE B 63 9.32 -6.42 1.50
C PHE B 63 8.15 -5.90 0.66
N PHE B 64 8.05 -6.34 -0.59
CA PHE B 64 7.05 -5.80 -1.51
C PHE B 64 6.42 -6.94 -2.31
N VAL B 65 5.09 -6.99 -2.34
CA VAL B 65 4.37 -7.92 -3.18
C VAL B 65 3.54 -7.08 -4.16
N PRO B 66 3.83 -7.14 -5.46
CA PRO B 66 3.15 -6.22 -6.38
C PRO B 66 1.65 -6.41 -6.48
N ARG B 67 1.15 -7.65 -6.43
N ARG B 67 1.14 -7.64 -6.43
CA ARG B 67 -0.26 -7.91 -6.70
CA ARG B 67 -0.28 -7.87 -6.70
C ARG B 67 -1.14 -7.20 -5.68
C ARG B 67 -1.14 -7.14 -5.67
N THR B 68 -0.77 -7.26 -4.41
CA THR B 68 -1.52 -6.67 -3.32
C THR B 68 -1.00 -5.29 -2.95
N GLY B 69 0.15 -4.88 -3.48
CA GLY B 69 0.77 -3.66 -3.02
C GLY B 69 1.36 -3.75 -1.63
N GLU B 70 1.44 -4.94 -1.03
CA GLU B 70 1.95 -5.04 0.32
C GLU B 70 3.39 -4.51 0.36
N VAL B 71 3.65 -3.61 1.31
CA VAL B 71 4.97 -3.03 1.56
C VAL B 71 5.20 -3.08 3.05
N ARG B 72 6.32 -3.71 3.47
CA ARG B 72 6.71 -3.83 4.86
C ARG B 72 8.15 -3.36 4.98
N LEU B 73 8.39 -2.39 5.85
CA LEU B 73 9.76 -1.98 6.14
C LEU B 73 10.48 -3.12 6.84
N ARG B 74 11.65 -3.50 6.32
CA ARG B 74 12.42 -4.60 6.89
C ARG B 74 13.36 -4.08 7.98
N PRO B 75 13.77 -4.94 8.92
CA PRO B 75 14.71 -4.48 9.95
C PRO B 75 15.91 -3.80 9.32
N HIS B 76 16.31 -2.68 9.91
CA HIS B 76 17.39 -1.89 9.34
C HIS B 76 18.72 -2.59 9.58
N ARG B 77 19.33 -3.06 8.53
CA ARG B 77 20.65 -3.67 8.73
C ARG B 77 21.72 -2.58 8.61
N PRO B 78 22.66 -2.49 9.54
CA PRO B 78 23.58 -1.35 9.54
C PRO B 78 24.66 -1.38 8.46
N TYR B 79 24.60 -2.35 7.53
CA TYR B 79 25.65 -2.54 6.53
C TYR B 79 24.99 -2.90 5.21
N PHE B 80 24.96 -1.95 4.27
CA PHE B 80 24.25 -2.15 3.02
C PHE B 80 25.00 -3.13 2.11
N ASP B 95 28.36 2.32 8.40
CA ASP B 95 27.07 2.42 9.07
C ASP B 95 26.17 3.47 8.43
N VAL B 96 25.31 3.03 7.50
CA VAL B 96 24.35 3.92 6.87
C VAL B 96 23.14 4.06 7.78
N ALA B 97 22.68 5.30 7.94
CA ALA B 97 21.52 5.56 8.77
C ALA B 97 20.23 5.07 8.10
N PRO B 98 19.19 4.85 8.89
CA PRO B 98 17.87 4.54 8.31
C PRO B 98 17.26 5.77 7.67
N LEU B 99 16.21 5.53 6.89
CA LEU B 99 15.40 6.62 6.39
C LEU B 99 14.74 7.33 7.56
N SER B 100 14.68 8.65 7.49
CA SER B 100 14.17 9.44 8.59
C SER B 100 12.71 9.09 8.88
N ARG B 101 12.27 9.49 10.06
N ARG B 101 12.27 9.49 10.06
CA ARG B 101 10.89 9.26 10.47
CA ARG B 101 10.88 9.25 10.46
C ARG B 101 9.90 9.97 9.54
C ARG B 101 9.90 9.96 9.53
N THR B 102 10.21 11.21 9.16
CA THR B 102 9.29 11.96 8.31
C THR B 102 9.37 11.48 6.86
N THR B 103 10.51 10.93 6.44
CA THR B 103 10.58 10.24 5.15
C THR B 103 9.60 9.08 5.11
N LEU B 104 9.70 8.17 6.09
CA LEU B 104 8.83 7.01 6.12
C LEU B 104 7.36 7.40 6.32
N ALA B 105 7.10 8.53 6.97
CA ALA B 105 5.73 8.97 7.18
C ALA B 105 5.14 9.66 5.96
N ASN B 106 5.97 10.00 4.97
CA ASN B 106 5.47 10.66 3.76
C ASN B 106 4.82 9.65 2.83
N PRO B 107 3.53 9.77 2.51
CA PRO B 107 2.88 8.77 1.63
C PRO B 107 3.50 8.66 0.26
N LEU B 108 4.24 9.68 -0.17
CA LEU B 108 4.80 9.66 -1.53
C LEU B 108 5.83 8.55 -1.69
N LEU B 109 6.54 8.18 -0.64
CA LEU B 109 7.62 7.21 -0.82
C LEU B 109 7.10 5.86 -1.31
N THR B 110 6.13 5.29 -0.60
CA THR B 110 5.62 3.99 -1.04
C THR B 110 4.73 4.14 -2.27
N ARG B 111 4.15 5.31 -2.51
CA ARG B 111 3.39 5.48 -3.76
C ARG B 111 4.32 5.45 -4.96
N LEU B 112 5.49 6.11 -4.86
CA LEU B 112 6.48 5.97 -5.91
C LEU B 112 6.99 4.54 -6.02
N LEU B 113 7.25 3.89 -4.87
CA LEU B 113 7.67 2.50 -4.91
C LEU B 113 6.71 1.67 -5.76
N ARG B 114 5.40 1.78 -5.52
CA ARG B 114 4.45 0.95 -6.28
C ARG B 114 4.32 1.44 -7.71
N ALA B 115 4.22 2.75 -7.91
CA ALA B 115 4.04 3.26 -9.27
C ALA B 115 5.25 2.96 -10.14
N ASP B 116 6.46 3.17 -9.60
CA ASP B 116 7.64 2.93 -10.44
C ASP B 116 7.66 1.50 -10.94
N PHE B 117 7.31 0.55 -10.06
CA PHE B 117 7.34 -0.85 -10.44
C PHE B 117 6.49 -1.15 -11.67
N GLU B 118 5.38 -0.44 -11.84
CA GLU B 118 4.49 -0.69 -12.98
C GLU B 118 5.15 -0.41 -14.32
N ASN B 119 6.29 0.28 -14.34
CA ASN B 119 6.98 0.54 -15.60
C ASN B 119 7.88 -0.60 -16.05
N PHE B 120 8.13 -1.58 -15.20
CA PHE B 120 9.11 -2.61 -15.51
C PHE B 120 8.45 -3.75 -16.28
N PRO B 121 9.14 -4.28 -17.28
CA PRO B 121 8.59 -5.42 -18.03
C PRO B 121 8.91 -6.74 -17.32
N VAL B 122 8.07 -7.06 -16.34
CA VAL B 122 8.28 -8.30 -15.57
C VAL B 122 8.17 -9.48 -16.50
N PRO B 123 9.11 -10.43 -16.48
CA PRO B 123 9.07 -11.53 -17.47
C PRO B 123 7.92 -12.50 -17.24
N GLU B 124 7.59 -12.80 -15.99
CA GLU B 124 6.51 -13.73 -15.69
C GLU B 124 5.47 -13.02 -14.84
N GLU B 125 4.21 -13.07 -15.27
CA GLU B 125 3.14 -12.45 -14.48
C GLU B 125 3.04 -13.05 -13.09
N SER B 126 3.53 -14.28 -12.92
CA SER B 126 3.42 -14.90 -11.61
C SER B 126 4.37 -14.26 -10.60
N TRP B 127 5.44 -13.64 -11.09
CA TRP B 127 6.33 -12.89 -10.21
C TRP B 127 5.61 -11.77 -9.48
N LEU B 128 4.47 -11.32 -10.02
CA LEU B 128 3.65 -10.30 -9.36
C LEU B 128 3.09 -10.80 -8.03
N ASP B 129 3.02 -12.13 -7.86
CA ASP B 129 2.54 -12.75 -6.65
C ASP B 129 3.64 -13.14 -5.68
N ASP B 130 4.88 -12.84 -5.99
CA ASP B 130 6.02 -13.18 -5.15
C ASP B 130 6.50 -11.96 -4.39
N PRO B 131 7.24 -12.19 -3.30
CA PRO B 131 7.95 -11.07 -2.65
C PRO B 131 9.06 -10.53 -3.53
N TRP B 132 9.28 -9.22 -3.39
CA TRP B 132 10.41 -8.54 -4.00
C TRP B 132 11.14 -7.81 -2.89
N ASP B 133 12.46 -7.75 -2.98
CA ASP B 133 13.24 -6.91 -2.07
C ASP B 133 13.49 -5.59 -2.76
N VAL B 134 13.13 -4.51 -2.10
CA VAL B 134 13.27 -3.17 -2.65
C VAL B 134 14.19 -2.40 -1.73
N GLN B 135 15.34 -1.96 -2.27
CA GLN B 135 16.24 -1.07 -1.57
C GLN B 135 15.86 0.36 -1.89
N CYS B 136 15.87 1.21 -0.87
CA CYS B 136 15.49 2.59 -1.04
C CYS B 136 16.60 3.46 -0.46
N HIS B 137 17.28 4.23 -1.30
CA HIS B 137 18.46 5.01 -0.94
C HIS B 137 18.21 6.50 -1.12
N GLN B 138 18.48 7.29 -0.07
CA GLN B 138 18.52 8.74 -0.18
C GLN B 138 19.97 9.16 -0.32
N PHE B 139 20.37 9.65 -1.49
CA PHE B 139 21.75 10.03 -1.76
C PHE B 139 21.84 11.53 -1.94
N ARG B 140 22.78 12.16 -1.23
CA ARG B 140 23.15 13.55 -1.51
C ARG B 140 24.65 13.62 -1.79
N ILE B 141 24.98 14.15 -2.97
CA ILE B 141 26.35 14.33 -3.40
C ILE B 141 26.70 15.80 -3.26
N ILE B 142 27.76 16.12 -2.52
CA ILE B 142 28.23 17.49 -2.34
C ILE B 142 29.61 17.61 -2.97
N SER B 143 29.82 18.64 -3.77
CA SER B 143 31.05 18.82 -4.51
C SER B 143 31.55 20.24 -4.33
N THR B 144 32.82 20.39 -3.95
CA THR B 144 33.45 21.68 -3.76
C THR B 144 34.67 21.79 -4.67
N PRO B 145 35.18 23.05 -4.92
CA PRO B 145 36.28 23.29 -5.88
C PRO B 145 37.19 22.13 -6.24
N ASP B 146 37.30 21.87 -7.54
CA ASP B 146 37.97 20.68 -8.07
C ASP B 146 39.48 20.89 -8.16
N GLU B 147 40.22 19.88 -7.71
CA GLU B 147 41.65 19.76 -7.99
C GLU B 147 41.97 18.34 -8.46
N PRO B 151 39.89 13.28 -9.94
CA PRO B 151 38.43 13.16 -9.85
C PRO B 151 37.86 12.25 -10.94
N THR B 152 38.54 11.12 -11.18
CA THR B 152 38.29 10.32 -12.37
C THR B 152 36.88 9.75 -12.34
N PRO B 153 36.08 9.94 -13.39
CA PRO B 153 34.71 9.40 -13.40
C PRO B 153 34.72 7.88 -13.32
N GLU B 154 33.59 7.34 -12.86
CA GLU B 154 33.44 5.92 -12.64
C GLU B 154 33.15 5.18 -13.94
N GLY B 155 33.65 3.96 -14.03
CA GLY B 155 33.32 3.10 -15.15
C GLY B 155 31.95 2.48 -15.01
N PRO B 156 31.47 1.87 -16.09
CA PRO B 156 30.14 1.27 -16.07
C PRO B 156 30.03 0.12 -15.10
N HIS B 157 28.82 -0.11 -14.59
CA HIS B 157 28.61 -1.07 -13.51
C HIS B 157 27.12 -1.32 -13.36
N ARG B 158 26.82 -2.47 -12.73
CA ARG B 158 25.49 -2.89 -12.31
C ARG B 158 25.20 -2.45 -10.89
N ASP B 159 23.95 -2.66 -10.46
CA ASP B 159 23.58 -2.57 -9.06
C ASP B 159 23.16 -3.92 -8.48
N GLU B 160 23.18 -4.99 -9.29
CA GLU B 160 22.82 -6.34 -8.84
C GLU B 160 21.37 -6.40 -8.31
N VAL B 161 20.45 -5.89 -9.13
CA VAL B 161 19.03 -5.96 -8.90
C VAL B 161 18.38 -6.36 -10.22
N ASP B 162 17.06 -6.48 -10.23
CA ASP B 162 16.45 -6.69 -11.53
C ASP B 162 16.05 -5.39 -12.22
N PHE B 163 15.56 -4.41 -11.46
CA PHE B 163 15.09 -3.16 -12.03
C PHE B 163 15.43 -2.01 -11.10
N GLY B 164 15.82 -0.88 -11.69
CA GLY B 164 16.16 0.29 -10.92
C GLY B 164 15.35 1.49 -11.36
N VAL B 165 15.22 2.44 -10.45
CA VAL B 165 14.66 3.76 -10.76
C VAL B 165 15.44 4.79 -9.97
N ILE B 166 15.73 5.92 -10.61
CA ILE B 166 16.33 7.06 -9.91
C ILE B 166 15.42 8.26 -10.12
N HIS B 167 15.12 8.96 -9.04
CA HIS B 167 14.36 10.20 -9.07
C HIS B 167 15.28 11.33 -8.64
N LEU B 168 15.39 12.37 -9.46
CA LEU B 168 16.12 13.57 -9.10
C LEU B 168 15.28 14.38 -8.12
N MET B 169 15.79 14.53 -6.89
CA MET B 169 15.10 15.35 -5.90
C MET B 169 15.53 16.80 -5.96
N GLY B 170 16.77 17.07 -6.34
CA GLY B 170 17.27 18.42 -6.28
C GLY B 170 18.64 18.50 -6.88
N ARG B 171 18.95 19.62 -7.49
CA ARG B 171 20.25 19.86 -8.11
C ARG B 171 20.56 21.34 -7.92
N PHE B 172 21.69 21.65 -7.27
CA PHE B 172 21.98 23.00 -6.81
C PHE B 172 23.41 23.36 -7.20
N ASN B 173 23.55 24.39 -8.04
CA ASN B 173 24.86 24.94 -8.40
C ASN B 173 25.77 23.86 -9.00
N ALA B 174 25.17 22.94 -9.75
CA ALA B 174 25.87 21.76 -10.24
C ALA B 174 26.01 21.79 -11.75
N ALA B 175 27.23 21.59 -12.23
CA ALA B 175 27.49 21.19 -13.61
C ALA B 175 27.88 19.73 -13.62
N GLY B 176 27.83 19.12 -14.80
CA GLY B 176 28.13 17.70 -14.89
C GLY B 176 27.04 16.86 -14.26
N GLY B 177 27.42 15.65 -13.87
CA GLY B 177 26.46 14.73 -13.28
C GLY B 177 25.58 14.02 -14.28
N GLU B 178 26.03 13.88 -15.53
CA GLU B 178 25.20 13.23 -16.53
C GLU B 178 25.06 11.76 -16.22
N SER B 179 23.87 11.22 -16.48
CA SER B 179 23.68 9.78 -16.40
C SER B 179 24.12 9.13 -17.70
N GLN B 180 24.75 7.97 -17.59
CA GLN B 180 25.32 7.27 -18.73
C GLN B 180 24.78 5.85 -18.79
N VAL B 181 24.35 5.43 -19.98
CA VAL B 181 23.93 4.06 -20.23
C VAL B 181 24.94 3.40 -21.15
N TYR B 182 25.45 2.25 -20.74
CA TYR B 182 26.41 1.48 -21.50
C TYR B 182 25.82 0.15 -21.92
N SER B 183 26.35 -0.41 -23.00
CA SER B 183 26.06 -1.79 -23.37
C SER B 183 26.75 -2.74 -22.40
N LEU B 184 26.35 -4.01 -22.45
CA LEU B 184 27.07 -5.01 -21.66
C LEU B 184 28.50 -5.17 -22.14
N GLU B 185 28.84 -4.61 -23.31
CA GLU B 185 30.20 -4.59 -23.83
C GLU B 185 31.01 -3.44 -23.24
N ARG B 186 30.38 -2.57 -22.46
CA ARG B 186 30.99 -1.43 -21.78
C ARG B 186 31.25 -0.28 -22.74
N GLU B 187 30.46 -0.21 -23.80
CA GLU B 187 30.49 0.87 -24.77
C GLU B 187 29.33 1.83 -24.50
N LEU B 188 29.61 3.14 -24.50
CA LEU B 188 28.60 4.14 -24.18
C LEU B 188 27.56 4.21 -25.30
N VAL B 189 26.29 4.06 -24.93
CA VAL B 189 25.21 4.13 -25.91
C VAL B 189 24.37 5.39 -25.73
N ALA B 190 24.31 5.96 -24.54
CA ALA B 190 23.45 7.12 -24.35
C ALA B 190 23.92 7.87 -23.11
N GLU B 191 23.70 9.18 -23.14
CA GLU B 191 24.04 10.06 -22.04
C GLU B 191 22.96 11.13 -21.96
N PHE B 192 22.45 11.38 -20.75
CA PHE B 192 21.42 12.38 -20.54
C PHE B 192 21.63 12.95 -19.16
N CYS B 193 20.92 14.02 -18.85
CA CYS B 193 21.14 14.70 -17.58
C CYS B 193 19.80 14.97 -16.88
N LEU B 194 19.62 14.34 -15.73
CA LEU B 194 18.50 14.69 -14.87
C LEU B 194 18.75 16.08 -14.28
N THR B 195 17.83 17.01 -14.54
CA THR B 195 18.03 18.39 -14.07
C THR B 195 16.84 18.95 -13.30
N GLU B 196 15.62 18.53 -13.63
CA GLU B 196 14.44 19.06 -12.95
C GLU B 196 13.96 18.11 -11.86
N GLN B 197 13.42 18.68 -10.78
CA GLN B 197 12.90 17.90 -9.68
C GLN B 197 11.87 16.90 -10.19
N MET B 198 12.07 15.64 -9.83
CA MET B 198 11.31 14.44 -10.25
C MET B 198 11.64 13.97 -11.65
N ASP B 199 12.67 14.49 -12.32
CA ASP B 199 13.21 13.79 -13.49
C ASP B 199 13.59 12.39 -13.07
N THR B 200 13.24 11.41 -13.91
CA THR B 200 13.28 10.02 -13.51
C THR B 200 13.91 9.17 -14.62
N MET B 201 14.71 8.19 -14.21
CA MET B 201 15.27 7.19 -15.10
C MET B 201 14.95 5.81 -14.56
N PHE B 202 14.36 4.96 -15.42
CA PHE B 202 14.11 3.56 -15.14
C PHE B 202 15.13 2.71 -15.90
N TRP B 203 15.55 1.59 -15.32
CA TRP B 203 16.43 0.74 -16.11
C TRP B 203 16.31 -0.72 -15.71
N SER B 204 16.65 -1.60 -16.66
CA SER B 204 16.71 -3.03 -16.43
C SER B 204 18.17 -3.38 -16.13
N ASP B 205 18.43 -3.83 -14.90
CA ASP B 205 19.79 -3.87 -14.40
C ASP B 205 20.61 -5.04 -14.90
N GLY B 206 19.96 -6.14 -15.29
CA GLY B 206 20.68 -7.21 -15.96
C GLY B 206 20.92 -6.96 -17.43
N GLN B 207 20.43 -5.84 -17.95
CA GLN B 207 20.38 -5.57 -19.38
C GLN B 207 21.37 -4.51 -19.84
N ILE B 208 21.66 -3.50 -19.02
CA ILE B 208 22.64 -2.47 -19.36
C ILE B 208 23.62 -2.36 -18.21
N LEU B 209 24.66 -1.58 -18.45
CA LEU B 209 25.46 -1.00 -17.38
C LEU B 209 25.20 0.50 -17.35
N HIS B 210 25.52 1.12 -16.22
CA HIS B 210 25.21 2.54 -16.09
C HIS B 210 26.26 3.18 -15.19
N ALA B 211 26.28 4.52 -15.23
CA ALA B 211 27.18 5.31 -14.43
C ALA B 211 26.64 6.73 -14.38
N VAL B 212 27.22 7.53 -13.51
CA VAL B 212 26.92 8.96 -13.44
C VAL B 212 28.24 9.73 -13.33
N ARG B 213 28.31 10.84 -14.02
CA ARG B 213 29.54 11.60 -14.02
C ARG B 213 29.61 12.48 -12.78
N PRO B 214 30.82 12.88 -12.38
CA PRO B 214 30.97 13.80 -11.24
C PRO B 214 30.20 15.09 -11.46
N ILE B 215 29.85 15.74 -10.36
CA ILE B 215 29.36 17.12 -10.44
C ILE B 215 30.45 18.04 -9.94
N HIS B 216 30.42 19.30 -10.39
CA HIS B 216 31.35 20.29 -9.89
C HIS B 216 30.64 21.64 -9.82
N PRO B 217 31.10 22.55 -8.96
CA PRO B 217 30.35 23.79 -8.75
C PRO B 217 30.36 24.69 -9.97
N VAL B 218 29.21 25.31 -10.22
CA VAL B 218 29.09 26.34 -11.25
C VAL B 218 29.74 27.61 -10.73
N ASP B 219 29.10 28.23 -9.75
CA ASP B 219 29.68 29.29 -8.93
C ASP B 219 30.75 28.65 -8.05
N PRO B 220 32.03 28.83 -8.38
CA PRO B 220 33.07 28.05 -7.72
C PRO B 220 33.23 28.38 -6.25
N THR B 221 32.46 29.33 -5.75
CA THR B 221 32.49 29.70 -4.34
C THR B 221 31.36 29.08 -3.53
N LYS B 222 30.53 28.22 -4.14
CA LYS B 222 29.48 27.54 -3.41
C LYS B 222 29.57 26.05 -3.68
N ALA B 223 28.96 25.27 -2.80
CA ALA B 223 28.95 23.83 -3.00
C ALA B 223 28.05 23.46 -4.17
N ALA B 224 28.44 22.44 -4.91
CA ALA B 224 27.52 21.78 -5.84
C ALA B 224 26.86 20.60 -5.13
N VAL B 225 25.53 20.54 -5.19
CA VAL B 225 24.75 19.50 -4.52
C VAL B 225 23.82 18.84 -5.52
N ARG B 226 23.77 17.50 -5.50
CA ARG B 226 22.86 16.70 -6.31
C ARG B 226 22.18 15.69 -5.39
N ASP B 227 20.85 15.72 -5.35
CA ASP B 227 20.07 14.89 -4.43
C ASP B 227 19.23 13.90 -5.21
N VAL B 228 19.24 12.64 -4.78
CA VAL B 228 18.70 11.59 -5.63
C VAL B 228 18.04 10.52 -4.76
N LEU B 229 16.89 10.02 -5.22
CA LEU B 229 16.20 8.90 -4.60
C LEU B 229 16.33 7.70 -5.52
N ILE B 230 16.95 6.63 -5.03
CA ILE B 230 17.21 5.42 -5.81
C ILE B 230 16.50 4.24 -5.18
N MET B 231 15.79 3.47 -6.01
CA MET B 231 15.18 2.23 -5.55
C MET B 231 15.57 1.06 -6.44
N GLY B 232 15.99 -0.03 -5.82
CA GLY B 232 16.36 -1.21 -6.58
C GLY B 232 15.45 -2.35 -6.21
N TYR B 233 14.87 -3.01 -7.21
CA TYR B 233 13.88 -4.06 -7.01
C TYR B 233 14.49 -5.40 -7.44
N LYS B 234 14.47 -6.38 -6.54
CA LYS B 234 14.99 -7.71 -6.81
C LYS B 234 13.94 -8.76 -6.45
N HIS B 235 13.50 -9.51 -7.46
CA HIS B 235 12.56 -10.62 -7.26
C HIS B 235 13.18 -11.67 -6.33
N GLU B 236 12.48 -11.96 -5.23
CA GLU B 236 12.96 -12.91 -4.21
C GLU B 236 11.83 -13.82 -3.77
N PRO B 237 11.56 -14.89 -4.53
CA PRO B 237 10.40 -15.74 -4.21
C PRO B 237 10.43 -16.31 -2.81
N GLU B 238 11.60 -16.47 -2.22
CA GLU B 238 11.74 -17.13 -0.92
C GLU B 238 11.86 -16.15 0.23
N LEU B 239 11.74 -14.85 -0.03
CA LEU B 239 11.80 -13.86 1.05
C LEU B 239 10.59 -14.01 1.96
N ARG B 240 10.82 -14.03 3.27
CA ARG B 240 9.74 -14.20 4.23
C ARG B 240 9.52 -12.90 4.98
N ARG B 241 8.31 -12.76 5.53
CA ARG B 241 8.03 -11.57 6.34
C ARG B 241 8.76 -11.67 7.65
N GLU B 242 9.25 -10.51 8.12
CA GLU B 242 10.07 -10.41 9.32
C GLU B 242 9.29 -9.60 10.36
N GLU B 243 9.22 -10.12 11.58
CA GLU B 243 8.57 -9.39 12.66
C GLU B 243 9.55 -9.12 13.81
#